data_7JUV
#
_entry.id   7JUV
#
_cell.length_a   139.000
_cell.length_b   139.000
_cell.length_c   222.000
_cell.angle_alpha   90.000
_cell.angle_beta   90.000
_cell.angle_gamma   120.000
#
_symmetry.space_group_name_H-M   'P 61 2 2'
#
loop_
_entity.id
_entity.type
_entity.pdbx_description
1 polymer 'Kinase suppressor of Ras 2'
2 polymer 'Dual specificity mitogen-activated protein kinase kinase 1'
3 non-polymer 'PHOSPHOAMINOPHOSPHONIC ACID-ADENYLATE ESTER'
4 non-polymer 'MAGNESIUM ION'
5 non-polymer "N-(3-{3-cyclopropyl-5-[(2-fluoro-4-iodophenyl)amino]-6,8-dimethyl-2,4,7-trioxo-3,4,6,7-tetrahydropyrido[4,3-d]pyrimidin-1(2H)-yl}phenyl)-N'-methylsulfuric diamide"
6 water water
#
loop_
_entity_poly.entity_id
_entity_poly.type
_entity_poly.pdbx_seq_one_letter_code
_entity_poly.pdbx_strand_id
1 'polypeptide(L)'
;MSYYHHHHHHDYDIPTTENLYFQGAEMNLSLLSARSFPRKASQTSIFLQEWDIPFEQLEIGELIGKGRFGQVYHGRWHGE
VAIRLIDIERDNEDQLKAFKREVMAYRQTRHENVVLFMGACMSPPHLAIITSLCKGRTLYSVVRDAKIVLDVNKTRQIAQ
EIVKGMGYLHAKGILHKDLKSKNVFYDNGKVVITDFGLFSISGVLQAGRREDKLRIQNGWLCHLAPEIIRQLSPDTEEDK
LPFSKHSDVFALGTIWYELHAREWPFKTQPAEAIIWQMGTGMKPNLSQIGMGKEISDILLFCWAFEQEERPTFTKLMDML
EKLPKRNRRLSHPGHFWKSAEL
;
B
2 'polypeptide(L)'
;MSYYHHHHHHDYDIPTTENLYFQGAKKLEELELDEQQRKRLEAFLTQKQKVGELKDDDFEKISELGAGNGGVVFKVSHKP
SGLVMARKLIHLEIKPAIRNQIIRELQVLHECNSPYIVGFYGAFYSDGEISICMEHMDGGSLDQVLKKAGRIPEQILGKV
SIAVIKGLTYLREKHKIMHRDVKPSNILVNSRGEIKLCDFGVSGQLIDSMANSFVGTRSYMSPERLQGTHYSVQSDIWSM
GLSLVEMAVGRYPIPPPDAKELELMFGCQVEGDAAETPPRPRTPGRPLSSYGMDSRPPMAIFELLDYIVNEPPPKLPSAV
FSLEFQDFVNKCLIKNPAERADLKQLMVHAFIKRSDAEEVDFAGWLCSTIGLNQPSTPTHAAGV
;
C
#
loop_
_chem_comp.id
_chem_comp.type
_chem_comp.name
_chem_comp.formula
ANP non-polymer 'PHOSPHOAMINOPHOSPHONIC ACID-ADENYLATE ESTER' 'C10 H17 N6 O12 P3'
MG non-polymer 'MAGNESIUM ION' 'Mg 2'
VKG non-polymer 'N-(3-{3-cyclopropyl-5-[(2-fluoro-4-iodophenyl)amino]-6,8-dimethyl-2,4,7-trioxo-3,4,6,7-tetrahydropyrido[4,3-d]pyrimidin-1(2H)-yl}phenyl)-N'-methylsulfuric diamide' 'C25 H24 F I N6 O5 S'
#
# COMPACT_ATOMS: atom_id res chain seq x y z
N THR A 44 -4.52 -37.21 9.53
CA THR A 44 -4.61 -36.71 8.16
C THR A 44 -6.04 -36.30 7.84
N SER A 45 -6.95 -36.54 8.78
CA SER A 45 -8.37 -36.31 8.55
C SER A 45 -9.00 -35.70 9.80
N ILE A 46 -9.95 -34.80 9.59
CA ILE A 46 -10.76 -34.19 10.65
C ILE A 46 -12.22 -34.35 10.25
N PHE A 47 -12.96 -35.17 11.00
CA PHE A 47 -14.37 -35.37 10.71
C PHE A 47 -15.23 -34.54 11.65
N LEU A 48 -16.46 -34.27 11.22
CA LEU A 48 -17.37 -33.42 11.99
C LEU A 48 -18.04 -34.14 13.15
N GLN A 49 -18.00 -35.47 13.18
CA GLN A 49 -18.47 -36.23 14.33
C GLN A 49 -17.48 -36.23 15.49
N GLU A 50 -16.26 -35.72 15.27
CA GLU A 50 -15.26 -35.54 16.31
C GLU A 50 -15.57 -34.40 17.28
N TRP A 51 -16.67 -33.68 17.08
CA TRP A 51 -16.99 -32.50 17.88
C TRP A 51 -18.14 -32.76 18.84
N ASP A 52 -18.16 -31.97 19.91
CA ASP A 52 -19.17 -32.08 20.95
C ASP A 52 -20.49 -31.42 20.59
N ILE A 53 -20.55 -30.68 19.50
CA ILE A 53 -21.80 -30.12 18.99
C ILE A 53 -22.42 -31.18 18.09
N PRO A 54 -23.57 -31.75 18.46
CA PRO A 54 -24.20 -32.76 17.61
C PRO A 54 -24.62 -32.19 16.26
N PHE A 55 -24.23 -32.88 15.20
CA PHE A 55 -24.37 -32.37 13.84
C PHE A 55 -25.00 -33.43 12.97
N GLU A 56 -26.13 -33.11 12.36
CA GLU A 56 -26.79 -33.97 11.39
C GLU A 56 -26.64 -33.46 9.96
N GLN A 57 -26.93 -32.18 9.74
CA GLN A 57 -26.93 -31.60 8.41
C GLN A 57 -26.32 -30.21 8.49
N LEU A 58 -25.73 -29.77 7.37
CA LEU A 58 -25.14 -28.44 7.28
C LEU A 58 -25.55 -27.83 5.94
N GLU A 59 -26.30 -26.74 6.00
CA GLU A 59 -26.69 -26.02 4.79
C GLU A 59 -25.83 -24.79 4.62
N ILE A 60 -25.50 -24.47 3.36
CA ILE A 60 -24.67 -23.33 3.01
C ILE A 60 -25.52 -22.33 2.24
N GLY A 61 -25.50 -21.07 2.68
CA GLY A 61 -26.33 -20.06 2.06
C GLY A 61 -25.57 -19.06 1.23
N GLU A 62 -25.94 -17.79 1.34
CA GLU A 62 -25.28 -16.75 0.56
C GLU A 62 -23.95 -16.36 1.19
N LEU A 63 -23.09 -15.77 0.37
CA LEU A 63 -21.85 -15.19 0.86
C LEU A 63 -22.14 -14.00 1.77
N ILE A 64 -21.48 -13.95 2.92
CA ILE A 64 -21.76 -12.89 3.87
C ILE A 64 -21.01 -11.62 3.49
N GLY A 65 -19.78 -11.76 3.04
CA GLY A 65 -18.98 -10.62 2.63
C GLY A 65 -17.68 -11.09 2.01
N LYS A 66 -16.99 -10.14 1.39
CA LYS A 66 -15.68 -10.43 0.83
C LYS A 66 -14.61 -10.35 1.91
N GLY A 67 -13.53 -11.10 1.70
CA GLY A 67 -12.41 -11.07 2.62
C GLY A 67 -11.26 -11.84 2.03
N ARG A 68 -10.09 -11.68 2.65
CA ARG A 68 -8.86 -12.17 2.05
C ARG A 68 -8.56 -13.62 2.38
N PHE A 69 -9.19 -14.18 3.40
CA PHE A 69 -8.88 -15.52 3.89
C PHE A 69 -10.11 -16.40 3.71
N GLY A 70 -10.12 -17.23 2.67
CA GLY A 70 -11.31 -18.03 2.40
C GLY A 70 -12.52 -17.20 2.01
N GLN A 71 -13.67 -17.88 2.00
CA GLN A 71 -14.98 -17.23 1.85
C GLN A 71 -15.85 -17.53 3.07
N VAL A 72 -16.70 -16.57 3.43
CA VAL A 72 -17.57 -16.69 4.60
C VAL A 72 -19.00 -16.69 4.10
N TYR A 73 -19.70 -17.80 4.31
CA TYR A 73 -21.10 -17.96 3.93
C TYR A 73 -22.01 -18.05 5.16
N HIS A 74 -23.26 -17.63 4.95
CA HIS A 74 -24.36 -18.01 5.82
C HIS A 74 -24.57 -19.52 5.80
N GLY A 75 -25.05 -20.06 6.93
CA GLY A 75 -25.27 -21.48 7.04
C GLY A 75 -26.38 -21.79 8.02
N ARG A 76 -26.82 -23.04 8.00
CA ARG A 76 -27.84 -23.52 8.90
C ARG A 76 -27.44 -24.87 9.48
N TRP A 77 -27.69 -25.06 10.76
CA TRP A 77 -27.19 -26.22 11.48
C TRP A 77 -28.33 -26.91 12.23
N GLY A 79 -30.34 -23.68 14.01
CA GLY A 79 -29.90 -22.30 14.09
C GLY A 79 -28.96 -21.91 12.96
N GLU A 80 -28.65 -20.62 12.89
CA GLU A 80 -27.88 -20.05 11.80
C GLU A 80 -26.41 -19.95 12.21
N VAL A 81 -25.52 -20.10 11.23
CA VAL A 81 -24.11 -20.35 11.50
C VAL A 81 -23.29 -19.63 10.44
N ALA A 82 -22.00 -19.43 10.72
CA ALA A 82 -21.09 -18.82 9.75
C ALA A 82 -20.01 -19.82 9.36
N ILE A 83 -19.90 -20.09 8.06
CA ILE A 83 -19.04 -21.14 7.53
C ILE A 83 -17.93 -20.48 6.70
N ARG A 84 -16.68 -20.72 7.09
CA ARG A 84 -15.53 -20.17 6.38
C ARG A 84 -14.82 -21.30 5.65
N LEU A 85 -14.92 -21.26 4.32
CA LEU A 85 -14.28 -22.24 3.44
C LEU A 85 -12.90 -21.75 3.03
N ILE A 86 -11.90 -22.61 3.20
CA ILE A 86 -10.49 -22.31 3.00
C ILE A 86 -9.90 -23.36 2.07
N ASP A 87 -8.94 -22.94 1.24
CA ASP A 87 -8.30 -23.85 0.32
C ASP A 87 -6.81 -23.97 0.66
N ILE A 88 -6.28 -25.18 0.54
CA ILE A 88 -4.88 -25.50 0.80
C ILE A 88 -4.34 -26.39 -0.33
N GLU A 89 -3.02 -26.57 -0.35
CA GLU A 89 -2.37 -27.46 -1.30
C GLU A 89 -2.71 -28.93 -1.04
N ARG A 90 -2.82 -29.69 -2.14
CA ARG A 90 -3.28 -31.08 -2.06
C ARG A 90 -2.50 -31.91 -1.05
N ASP A 91 -1.16 -31.79 -1.04
CA ASP A 91 -0.34 -32.53 -0.08
C ASP A 91 0.73 -31.62 0.56
N ASN A 92 0.28 -30.64 1.35
CA ASN A 92 1.16 -29.94 2.28
C ASN A 92 0.87 -30.44 3.70
N GLU A 93 1.26 -31.69 3.96
CA GLU A 93 1.02 -32.34 5.26
C GLU A 93 1.44 -31.49 6.45
N ASP A 94 2.60 -30.83 6.36
CA ASP A 94 3.13 -29.91 7.36
C ASP A 94 2.06 -28.97 7.93
N GLN A 95 1.54 -28.08 7.06
CA GLN A 95 0.65 -27.05 7.54
C GLN A 95 -0.69 -27.66 7.94
N LEU A 96 -1.04 -28.81 7.38
CA LEU A 96 -2.27 -29.49 7.75
C LEU A 96 -2.22 -29.96 9.19
N LYS A 97 -1.11 -30.59 9.60
CA LYS A 97 -0.97 -30.97 11.00
C LYS A 97 -0.84 -29.75 11.92
N ALA A 98 -0.21 -28.67 11.44
CA ALA A 98 -0.23 -27.42 12.21
C ALA A 98 -1.65 -26.95 12.45
N PHE A 99 -2.46 -26.94 11.38
CA PHE A 99 -3.85 -26.55 11.44
C PHE A 99 -4.63 -27.40 12.43
N LYS A 100 -4.43 -28.71 12.41
CA LYS A 100 -5.20 -29.56 13.32
C LYS A 100 -4.79 -29.27 14.77
N ARG A 101 -3.48 -29.11 15.01
CA ARG A 101 -2.99 -28.62 16.29
C ARG A 101 -3.83 -27.43 16.77
N GLU A 102 -3.96 -26.43 15.88
CA GLU A 102 -4.65 -25.19 16.24
C GLU A 102 -6.14 -25.41 16.51
N VAL A 103 -6.83 -26.13 15.64
CA VAL A 103 -8.28 -26.24 15.83
C VAL A 103 -8.60 -27.16 17.01
N MET A 104 -7.74 -28.14 17.30
CA MET A 104 -7.85 -28.86 18.56
C MET A 104 -7.72 -27.90 19.74
N ALA A 105 -6.83 -26.92 19.64
CA ALA A 105 -6.80 -25.86 20.65
C ALA A 105 -8.17 -25.17 20.74
N TYR A 106 -8.73 -24.78 19.59
CA TYR A 106 -9.98 -24.01 19.60
C TYR A 106 -11.16 -24.78 20.18
N ARG A 107 -11.12 -26.11 20.13
CA ARG A 107 -12.24 -26.90 20.63
C ARG A 107 -12.50 -26.70 22.13
N GLN A 108 -11.53 -26.18 22.88
CA GLN A 108 -11.68 -26.02 24.33
C GLN A 108 -12.23 -24.66 24.76
N THR A 109 -12.57 -23.78 23.83
CA THR A 109 -12.94 -22.40 24.18
C THR A 109 -14.45 -22.24 24.32
N ARG A 110 -14.85 -21.41 25.28
CA ARG A 110 -16.25 -20.97 25.42
C ARG A 110 -16.27 -19.77 26.35
N HIS A 111 -16.77 -18.64 25.85
CA HIS A 111 -16.73 -17.39 26.61
C HIS A 111 -17.62 -16.36 25.91
N GLU A 112 -18.41 -15.64 26.72
CA GLU A 112 -19.45 -14.76 26.17
C GLU A 112 -18.89 -13.67 25.25
N ASN A 113 -17.63 -13.29 25.42
CA ASN A 113 -17.03 -12.27 24.57
C ASN A 113 -16.14 -12.87 23.48
N VAL A 114 -16.32 -14.16 23.18
CA VAL A 114 -15.54 -14.86 22.18
C VAL A 114 -16.52 -15.59 21.28
N VAL A 115 -16.32 -15.49 19.96
CA VAL A 115 -17.20 -16.18 19.04
C VAL A 115 -17.16 -17.67 19.33
N LEU A 116 -18.32 -18.31 19.30
CA LEU A 116 -18.40 -19.72 19.65
C LEU A 116 -17.87 -20.55 18.49
N PHE A 117 -16.73 -21.20 18.71
CA PHE A 117 -16.23 -22.16 17.74
C PHE A 117 -17.09 -23.40 17.86
N MET A 118 -17.73 -23.80 16.77
CA MET A 118 -18.67 -24.90 16.83
C MET A 118 -18.11 -26.17 16.23
N GLY A 119 -17.35 -26.06 15.15
CA GLY A 119 -16.73 -27.24 14.59
C GLY A 119 -15.88 -26.88 13.41
N ALA A 120 -15.00 -27.80 13.05
CA ALA A 120 -14.14 -27.63 11.91
C ALA A 120 -14.05 -28.97 11.21
N CYS A 121 -14.34 -29.02 9.92
CA CYS A 121 -14.10 -30.25 9.20
C CYS A 121 -13.03 -29.99 8.15
N MET A 122 -12.04 -30.86 8.12
CA MET A 122 -10.97 -30.84 7.17
C MET A 122 -11.32 -31.93 6.18
N SER A 123 -11.05 -31.70 4.90
CA SER A 123 -10.75 -32.79 3.98
C SER A 123 -10.08 -32.29 2.71
N PRO A 124 -8.76 -32.47 2.64
CA PRO A 124 -7.90 -31.77 1.69
C PRO A 124 -8.28 -32.08 0.25
N PRO A 125 -8.15 -31.07 -0.66
CA PRO A 125 -7.46 -29.85 -0.25
C PRO A 125 -8.25 -28.70 0.39
N HIS A 126 -9.55 -28.87 0.57
CA HIS A 126 -10.46 -27.82 0.99
C HIS A 126 -10.96 -28.10 2.40
N LEU A 127 -10.77 -27.13 3.29
CA LEU A 127 -11.13 -27.25 4.69
C LEU A 127 -12.15 -26.16 5.05
N ALA A 128 -12.92 -26.41 6.11
CA ALA A 128 -13.95 -25.46 6.53
C ALA A 128 -13.96 -25.35 8.05
N ILE A 129 -14.11 -24.12 8.52
CA ILE A 129 -14.33 -23.78 9.93
C ILE A 129 -15.70 -23.14 10.12
N ILE A 130 -16.49 -23.71 11.02
CA ILE A 130 -17.87 -23.32 11.25
C ILE A 130 -17.96 -22.77 12.67
N THR A 131 -18.41 -21.52 12.78
CA THR A 131 -18.58 -20.84 14.06
C THR A 131 -20.00 -20.29 14.15
N SER A 132 -20.37 -19.80 15.33
CA SER A 132 -21.65 -19.10 15.47
C SER A 132 -21.69 -17.84 14.62
N LEU A 133 -22.89 -17.47 14.20
CA LEU A 133 -23.12 -16.29 13.40
C LEU A 133 -23.43 -15.08 14.28
N CYS A 134 -22.75 -13.97 14.03
CA CYS A 134 -22.91 -12.77 14.83
C CYS A 134 -24.06 -11.93 14.28
N LYS A 135 -25.11 -11.75 15.08
CA LYS A 135 -26.07 -10.70 14.81
C LYS A 135 -25.38 -9.33 14.92
N GLY A 136 -25.94 -8.34 14.25
CA GLY A 136 -25.42 -7.00 14.39
C GLY A 136 -24.39 -6.66 13.34
N ARG A 137 -23.63 -5.60 13.62
CA ARG A 137 -22.65 -5.05 12.70
C ARG A 137 -21.27 -5.11 13.33
N THR A 138 -20.24 -5.15 12.47
CA THR A 138 -18.88 -5.00 12.94
C THR A 138 -18.68 -3.66 13.63
N LEU A 139 -17.78 -3.65 14.62
CA LEU A 139 -17.36 -2.38 15.22
C LEU A 139 -16.82 -1.41 14.19
N TYR A 140 -16.18 -1.92 13.13
CA TYR A 140 -15.72 -1.06 12.04
C TYR A 140 -16.84 -0.21 11.48
N SER A 141 -17.97 -0.83 11.14
CA SER A 141 -19.09 -0.10 10.58
C SER A 141 -19.73 0.84 11.60
N VAL A 142 -19.89 0.36 12.84
CA VAL A 142 -20.51 1.19 13.88
C VAL A 142 -19.72 2.47 14.10
N VAL A 143 -18.39 2.35 14.24
CA VAL A 143 -17.54 3.51 14.46
C VAL A 143 -17.68 4.54 13.36
N ARG A 144 -17.91 4.10 12.12
CA ARG A 144 -17.96 5.00 10.97
C ARG A 144 -19.39 5.40 10.61
N ASP A 145 -20.33 5.24 11.52
CA ASP A 145 -21.73 5.57 11.27
C ASP A 145 -22.04 6.89 11.97
N ALA A 146 -22.30 7.92 11.17
CA ALA A 146 -22.49 9.27 11.71
C ALA A 146 -23.73 9.35 12.61
N LYS A 147 -24.73 8.51 12.37
CA LYS A 147 -25.94 8.50 13.18
C LYS A 147 -25.74 7.84 14.54
N ILE A 148 -24.61 7.19 14.77
CA ILE A 148 -24.32 6.51 16.04
C ILE A 148 -23.45 7.41 16.90
N VAL A 149 -23.89 7.67 18.13
CA VAL A 149 -23.11 8.44 19.09
C VAL A 149 -22.23 7.49 19.88
N LEU A 150 -20.98 7.92 20.12
CA LEU A 150 -19.97 7.09 20.77
C LEU A 150 -19.36 7.88 21.94
N ASP A 151 -20.14 8.05 23.01
CA ASP A 151 -19.64 8.81 24.15
C ASP A 151 -18.55 8.03 24.88
N VAL A 152 -17.88 8.72 25.81
CA VAL A 152 -16.68 8.15 26.42
C VAL A 152 -17.01 6.97 27.32
N ASN A 153 -18.19 7.00 27.96
CA ASN A 153 -18.62 5.86 28.77
C ASN A 153 -18.84 4.62 27.89
N LYS A 154 -19.50 4.81 26.76
CA LYS A 154 -19.80 3.68 25.88
C LYS A 154 -18.53 3.11 25.27
N THR A 155 -17.59 3.98 24.87
CA THR A 155 -16.32 3.49 24.36
C THR A 155 -15.54 2.73 25.43
N ARG A 156 -15.55 3.23 26.67
CA ARG A 156 -14.91 2.51 27.77
C ARG A 156 -15.53 1.13 27.95
N GLN A 157 -16.85 1.04 27.80
CA GLN A 157 -17.54 -0.23 28.01
C GLN A 157 -17.20 -1.23 26.90
N ILE A 158 -17.24 -0.75 25.64
CA ILE A 158 -16.86 -1.61 24.51
C ILE A 158 -15.44 -2.13 24.71
N ALA A 159 -14.53 -1.23 25.10
CA ALA A 159 -13.15 -1.62 25.32
C ALA A 159 -13.05 -2.69 26.40
N GLN A 160 -13.79 -2.52 27.50
CA GLN A 160 -13.76 -3.50 28.58
C GLN A 160 -14.28 -4.86 28.12
N GLU A 161 -15.32 -4.88 27.28
CA GLU A 161 -15.80 -6.15 26.74
C GLU A 161 -14.70 -6.83 25.92
N ILE A 162 -14.05 -6.08 25.03
CA ILE A 162 -13.01 -6.66 24.19
C ILE A 162 -11.87 -7.17 25.08
N VAL A 163 -11.59 -6.45 26.16
CA VAL A 163 -10.48 -6.81 27.04
C VAL A 163 -10.79 -8.11 27.78
N LYS A 164 -12.03 -8.26 28.25
CA LYS A 164 -12.43 -9.51 28.89
C LYS A 164 -12.27 -10.68 27.93
N GLY A 165 -12.76 -10.53 26.70
CA GLY A 165 -12.58 -11.59 25.71
C GLY A 165 -11.13 -11.94 25.49
N MET A 166 -10.29 -10.92 25.32
CA MET A 166 -8.89 -11.16 25.02
C MET A 166 -8.18 -11.81 26.20
N GLY A 167 -8.52 -11.40 27.43
CA GLY A 167 -7.89 -11.99 28.59
C GLY A 167 -8.29 -13.44 28.77
N TYR A 168 -9.54 -13.77 28.44
CA TYR A 168 -9.94 -15.18 28.40
C TYR A 168 -9.07 -15.95 27.43
N LEU A 169 -8.95 -15.45 26.19
CA LEU A 169 -8.16 -16.16 25.19
C LEU A 169 -6.71 -16.31 25.63
N HIS A 170 -6.14 -15.27 26.24
CA HIS A 170 -4.76 -15.36 26.71
C HIS A 170 -4.62 -16.40 27.82
N ALA A 171 -5.57 -16.43 28.75
CA ALA A 171 -5.51 -17.37 29.86
C ALA A 171 -5.45 -18.81 29.37
N LYS A 172 -6.10 -19.12 28.26
CA LYS A 172 -5.98 -20.43 27.64
C LYS A 172 -4.77 -20.55 26.71
N GLY A 173 -3.84 -19.60 26.76
CA GLY A 173 -2.69 -19.63 25.86
C GLY A 173 -3.00 -19.52 24.39
N ILE A 174 -4.03 -18.77 24.00
CA ILE A 174 -4.35 -18.55 22.60
C ILE A 174 -4.11 -17.08 22.28
N LEU A 175 -3.25 -16.83 21.29
CA LEU A 175 -3.02 -15.50 20.76
C LEU A 175 -3.93 -15.21 19.58
N HIS A 176 -4.46 -13.98 19.52
CA HIS A 176 -5.37 -13.61 18.44
C HIS A 176 -4.60 -13.43 17.14
N LYS A 177 -3.59 -12.55 17.15
CA LYS A 177 -2.70 -12.23 16.04
C LYS A 177 -3.36 -11.40 14.94
N ASP A 178 -4.65 -11.08 15.04
CA ASP A 178 -5.27 -10.19 14.05
C ASP A 178 -6.43 -9.43 14.70
N LEU A 179 -6.22 -8.93 15.91
CA LEU A 179 -7.23 -8.12 16.57
C LEU A 179 -7.39 -6.80 15.84
N LYS A 180 -8.63 -6.43 15.55
CA LYS A 180 -8.97 -5.23 14.79
C LYS A 180 -10.48 -5.11 14.71
N SER A 181 -10.95 -3.90 14.38
CA SER A 181 -12.37 -3.60 14.52
C SER A 181 -13.23 -4.33 13.50
N LYS A 182 -12.64 -4.81 12.40
CA LYS A 182 -13.40 -5.65 11.49
C LYS A 182 -13.59 -7.07 12.03
N ASN A 183 -12.87 -7.43 13.09
CA ASN A 183 -12.97 -8.73 13.74
C ASN A 183 -13.62 -8.62 15.11
N VAL A 184 -14.41 -7.58 15.34
CA VAL A 184 -15.24 -7.45 16.54
C VAL A 184 -16.64 -7.10 16.09
N PHE A 185 -17.63 -7.71 16.72
CA PHE A 185 -19.03 -7.51 16.38
C PHE A 185 -19.79 -6.93 17.57
N TYR A 186 -20.67 -5.97 17.26
CA TYR A 186 -21.38 -5.17 18.26
C TYR A 186 -22.85 -5.19 17.92
N ASP A 187 -23.68 -5.67 18.86
CA ASP A 187 -25.12 -5.68 18.69
C ASP A 187 -25.75 -5.20 20.00
N ASN A 188 -26.13 -3.93 20.04
CA ASN A 188 -26.84 -3.33 21.18
C ASN A 188 -26.20 -3.71 22.50
N GLY A 189 -24.88 -3.50 22.60
CA GLY A 189 -24.15 -3.74 23.81
C GLY A 189 -23.49 -5.10 23.93
N LYS A 190 -23.84 -6.05 23.06
CA LYS A 190 -23.16 -7.35 23.06
C LYS A 190 -21.95 -7.27 22.13
N VAL A 191 -20.78 -7.59 22.66
CA VAL A 191 -19.51 -7.47 21.95
C VAL A 191 -18.86 -8.84 21.86
N VAL A 192 -18.50 -9.25 20.64
CA VAL A 192 -17.93 -10.57 20.40
C VAL A 192 -16.68 -10.45 19.55
N ILE A 193 -15.62 -11.18 19.92
CA ILE A 193 -14.38 -11.21 19.15
C ILE A 193 -14.40 -12.43 18.25
N THR A 194 -13.98 -12.25 17.00
CA THR A 194 -13.94 -13.34 16.04
C THR A 194 -12.56 -13.46 15.40
N ASP A 195 -12.39 -14.55 14.64
CA ASP A 195 -11.24 -14.79 13.76
C ASP A 195 -9.91 -14.89 14.50
N PHE A 196 -9.92 -15.21 15.79
CA PHE A 196 -8.69 -15.40 16.52
C PHE A 196 -7.91 -16.60 15.97
N GLY A 197 -6.58 -16.52 16.05
CA GLY A 197 -5.69 -17.56 15.54
C GLY A 197 -5.58 -17.81 14.05
N LEU A 198 -6.57 -17.41 13.25
CA LEU A 198 -6.55 -17.72 11.82
C LEU A 198 -5.30 -17.20 11.13
N PHE A 199 -4.74 -16.07 11.60
CA PHE A 199 -3.71 -15.38 10.86
C PHE A 199 -2.48 -16.25 10.63
N SER A 200 -2.17 -17.14 11.57
CA SER A 200 -1.05 -18.08 11.39
C SER A 200 -1.18 -18.85 10.08
N ILE A 201 -2.39 -19.36 9.80
CA ILE A 201 -2.61 -20.24 8.67
C ILE A 201 -3.19 -19.47 7.48
N SER A 202 -3.10 -18.13 7.49
CA SER A 202 -3.98 -17.34 6.65
C SER A 202 -3.44 -17.18 5.22
N GLY A 203 -2.15 -16.90 5.07
CA GLY A 203 -1.60 -16.58 3.76
C GLY A 203 -2.06 -15.28 3.14
N VAL A 204 -2.48 -14.30 3.93
CA VAL A 204 -2.99 -13.04 3.39
C VAL A 204 -1.89 -12.15 2.85
N LEU A 205 -0.64 -12.58 2.98
CA LEU A 205 0.47 -11.86 2.35
C LEU A 205 1.00 -12.53 1.09
N GLN A 206 0.94 -13.85 1.00
CA GLN A 206 1.18 -14.57 -0.25
C GLN A 206 2.62 -14.44 -0.72
N ARG A 210 3.14 -9.96 -5.45
CA ARG A 210 4.13 -9.56 -6.45
C ARG A 210 5.52 -10.05 -6.08
N GLU A 211 6.42 -10.05 -7.06
CA GLU A 211 7.80 -10.46 -6.83
C GLU A 211 8.56 -9.37 -6.07
N ASP A 212 9.19 -9.76 -4.96
CA ASP A 212 9.98 -8.84 -4.14
C ASP A 212 9.15 -7.62 -3.73
N LYS A 213 7.91 -7.86 -3.31
CA LYS A 213 7.02 -6.77 -2.93
C LYS A 213 5.95 -7.33 -2.01
N LEU A 214 5.94 -6.86 -0.75
CA LEU A 214 4.99 -7.34 0.23
C LEU A 214 3.67 -6.59 0.10
N ARG A 215 2.56 -7.34 0.06
CA ARG A 215 1.24 -6.74 -0.05
C ARG A 215 0.75 -6.32 1.33
N ILE A 216 0.40 -5.04 1.48
CA ILE A 216 0.00 -4.47 2.76
C ILE A 216 -1.39 -3.86 2.63
N GLN A 217 -2.32 -4.36 3.42
CA GLN A 217 -3.69 -3.84 3.40
C GLN A 217 -3.80 -2.61 4.28
N ASN A 218 -4.61 -1.64 3.83
CA ASN A 218 -4.91 -0.47 4.65
C ASN A 218 -5.49 -0.88 5.99
N GLY A 219 -5.05 -0.21 7.05
CA GLY A 219 -5.47 -0.55 8.39
C GLY A 219 -4.59 -1.56 9.10
N TRP A 220 -3.86 -2.39 8.36
CA TRP A 220 -3.07 -3.45 8.97
C TRP A 220 -1.93 -2.88 9.80
N LEU A 221 -1.07 -2.06 9.17
CA LEU A 221 0.18 -1.65 9.81
C LEU A 221 -0.06 -0.94 11.14
N CYS A 222 -1.13 -0.17 11.26
CA CYS A 222 -1.30 0.61 12.49
C CYS A 222 -1.74 -0.25 13.67
N HIS A 223 -1.97 -1.55 13.46
CA HIS A 223 -2.24 -2.49 14.55
C HIS A 223 -1.00 -3.27 14.96
N LEU A 224 0.09 -3.16 14.20
CA LEU A 224 1.27 -3.98 14.39
C LEU A 224 2.24 -3.31 15.36
N ALA A 225 2.60 -4.03 16.43
CA ALA A 225 3.52 -3.49 17.40
C ALA A 225 4.89 -3.25 16.75
N PRO A 226 5.68 -2.31 17.27
CA PRO A 226 6.99 -2.00 16.65
C PRO A 226 7.87 -3.22 16.40
N GLU A 227 7.94 -4.14 17.35
CA GLU A 227 8.75 -5.34 17.16
C GLU A 227 8.36 -6.07 15.88
N ILE A 228 7.08 -6.03 15.52
CA ILE A 228 6.65 -6.72 14.31
C ILE A 228 6.94 -5.84 13.09
N ILE A 229 6.61 -4.55 13.18
CA ILE A 229 6.80 -3.63 12.06
C ILE A 229 8.25 -3.66 11.58
N ARG A 230 9.20 -3.69 12.52
CA ARG A 230 10.62 -3.71 12.19
C ARG A 230 11.08 -5.01 11.55
N GLN A 231 10.20 -5.98 11.33
CA GLN A 231 10.61 -7.24 10.73
C GLN A 231 9.88 -7.57 9.44
N LEU A 232 8.89 -6.76 9.04
CA LEU A 232 8.23 -7.01 7.76
C LEU A 232 9.23 -6.95 6.62
N SER A 233 9.15 -7.93 5.74
CA SER A 233 10.00 -7.99 4.55
C SER A 233 9.18 -8.63 3.44
N PRO A 234 9.65 -8.53 2.18
CA PRO A 234 8.98 -9.30 1.12
C PRO A 234 9.14 -10.81 1.28
N ASP A 235 9.92 -11.27 2.25
CA ASP A 235 10.05 -12.68 2.56
C ASP A 235 9.24 -13.08 3.79
N THR A 236 8.52 -12.15 4.39
CA THR A 236 7.88 -12.38 5.68
C THR A 236 6.72 -13.36 5.53
N GLU A 237 6.59 -14.25 6.52
CA GLU A 237 5.54 -15.26 6.51
C GLU A 237 4.77 -15.20 7.83
N GLU A 238 3.44 -15.26 7.71
CA GLU A 238 2.53 -15.10 8.85
C GLU A 238 2.88 -16.03 10.00
N ASP A 239 3.30 -17.26 9.70
CA ASP A 239 3.54 -18.26 10.71
C ASP A 239 4.82 -18.05 11.51
N LYS A 240 5.69 -17.12 11.10
CA LYS A 240 6.96 -16.90 11.78
C LYS A 240 7.17 -15.46 12.23
N LEU A 241 6.15 -14.60 12.12
CA LEU A 241 6.26 -13.28 12.71
C LEU A 241 6.12 -13.35 14.22
N PRO A 242 6.86 -12.53 14.97
CA PRO A 242 6.95 -12.66 16.44
C PRO A 242 5.73 -12.11 17.16
N PHE A 243 4.57 -12.72 16.91
CA PHE A 243 3.37 -12.38 17.66
C PHE A 243 3.51 -12.79 19.13
N SER A 244 2.76 -12.10 19.97
CA SER A 244 2.85 -12.26 21.42
C SER A 244 1.61 -11.64 22.04
N LYS A 245 1.48 -11.81 23.37
CA LYS A 245 0.40 -11.14 24.09
C LYS A 245 0.58 -9.63 24.04
N HIS A 246 1.82 -9.15 24.01
CA HIS A 246 2.08 -7.72 23.96
C HIS A 246 1.60 -7.11 22.64
N SER A 247 1.77 -7.84 21.54
CA SER A 247 1.28 -7.34 20.26
C SER A 247 -0.24 -7.28 20.23
N ASP A 248 -0.90 -8.23 20.89
CA ASP A 248 -2.36 -8.16 21.03
C ASP A 248 -2.77 -6.93 21.82
N VAL A 249 -2.07 -6.64 22.91
CA VAL A 249 -2.40 -5.44 23.68
C VAL A 249 -2.20 -4.20 22.82
N PHE A 250 -1.11 -4.17 22.04
CA PHE A 250 -0.89 -3.08 21.09
C PHE A 250 -2.10 -2.90 20.17
N ALA A 251 -2.57 -4.00 19.57
CA ALA A 251 -3.70 -3.91 18.66
C ALA A 251 -4.94 -3.38 19.38
N LEU A 252 -5.13 -3.78 20.65
CA LEU A 252 -6.25 -3.20 21.39
C LEU A 252 -6.05 -1.70 21.59
N GLY A 253 -4.79 -1.25 21.74
CA GLY A 253 -4.53 0.17 21.84
C GLY A 253 -4.96 0.89 20.57
N THR A 254 -4.62 0.30 19.42
CA THR A 254 -5.06 0.86 18.15
C THR A 254 -6.58 0.93 18.09
N ILE A 255 -7.25 -0.09 18.64
CA ILE A 255 -8.71 -0.08 18.67
C ILE A 255 -9.21 1.06 19.56
N TRP A 256 -8.50 1.35 20.66
CA TRP A 256 -8.91 2.41 21.57
C TRP A 256 -8.82 3.77 20.87
N TYR A 257 -7.69 4.01 20.19
CA TYR A 257 -7.58 5.19 19.33
C TYR A 257 -8.76 5.27 18.39
N GLU A 258 -9.02 4.19 17.64
CA GLU A 258 -10.09 4.22 16.65
C GLU A 258 -11.44 4.48 17.30
N LEU A 259 -11.65 3.97 18.51
CA LEU A 259 -12.90 4.22 19.23
C LEU A 259 -13.08 5.71 19.50
N HIS A 260 -11.99 6.41 19.81
CA HIS A 260 -12.19 7.81 20.18
C HIS A 260 -12.07 8.79 19.01
N ALA A 261 -11.12 8.60 18.11
CA ALA A 261 -11.03 9.46 16.94
C ALA A 261 -12.04 9.07 15.86
N ARG A 262 -12.61 7.86 15.94
CA ARG A 262 -13.54 7.34 14.94
C ARG A 262 -12.89 7.19 13.58
N GLU A 263 -11.57 7.00 13.58
CA GLU A 263 -10.81 6.65 12.39
C GLU A 263 -9.51 5.99 12.85
N TRP A 264 -8.88 5.27 11.93
CA TRP A 264 -7.60 4.65 12.24
C TRP A 264 -6.53 5.72 12.46
N PRO A 265 -5.51 5.43 13.25
CA PRO A 265 -4.35 6.33 13.30
C PRO A 265 -3.54 6.26 12.02
N PHE A 266 -2.81 7.33 11.75
CA PHE A 266 -1.98 7.46 10.56
C PHE A 266 -2.82 7.44 9.28
N LYS A 267 -4.06 7.92 9.39
CA LYS A 267 -5.00 7.88 8.27
C LYS A 267 -4.46 8.62 7.05
N THR A 268 -3.72 9.71 7.26
CA THR A 268 -3.29 10.54 6.14
C THR A 268 -2.15 9.91 5.35
N GLN A 269 -1.26 9.16 6.02
CA GLN A 269 0.08 8.79 5.63
C GLN A 269 0.12 7.52 4.79
N PRO A 270 1.05 7.45 3.84
CA PRO A 270 1.25 6.23 3.07
C PRO A 270 1.97 5.17 3.89
N ALA A 271 2.01 3.95 3.32
CA ALA A 271 2.42 2.78 4.09
C ALA A 271 3.87 2.88 4.55
N GLU A 272 4.77 3.31 3.67
CA GLU A 272 6.19 3.39 4.04
C GLU A 272 6.42 4.38 5.17
N ALA A 273 5.73 5.53 5.12
CA ALA A 273 5.82 6.49 6.21
C ALA A 273 5.31 5.88 7.51
N ILE A 274 4.25 5.08 7.43
CA ILE A 274 3.69 4.49 8.64
C ILE A 274 4.68 3.48 9.21
N ILE A 275 5.29 2.67 8.34
CA ILE A 275 6.27 1.69 8.80
C ILE A 275 7.41 2.38 9.53
N TRP A 276 7.96 3.44 8.94
CA TRP A 276 9.10 4.10 9.58
C TRP A 276 8.70 4.79 10.88
N GLN A 277 7.58 5.53 10.87
CA GLN A 277 7.16 6.24 12.07
C GLN A 277 6.86 5.29 13.21
N MET A 278 6.19 4.16 12.92
CA MET A 278 5.84 3.24 13.99
C MET A 278 7.09 2.47 14.45
N GLY A 279 7.97 2.11 13.53
CA GLY A 279 9.18 1.41 13.90
C GLY A 279 10.10 2.21 14.79
N THR A 280 10.13 3.54 14.62
CA THR A 280 10.93 4.36 15.53
C THR A 280 10.12 4.86 16.72
N GLY A 281 8.83 4.59 16.77
CA GLY A 281 8.05 4.77 17.98
C GLY A 281 7.28 6.06 18.08
N MET A 282 7.02 6.73 16.96
CA MET A 282 6.20 7.93 16.96
C MET A 282 4.73 7.53 16.91
N LYS A 283 3.93 8.08 17.83
CA LYS A 283 2.55 7.67 17.96
C LYS A 283 1.67 8.89 18.22
N PRO A 284 0.45 8.90 17.70
CA PRO A 284 -0.47 10.02 17.95
C PRO A 284 -1.04 9.99 19.35
N ASN A 285 -1.70 11.09 19.70
CA ASN A 285 -2.47 11.18 20.93
C ASN A 285 -3.88 11.65 20.60
N LEU A 286 -4.72 11.91 21.62
CA LEU A 286 -6.09 12.34 21.39
C LEU A 286 -6.37 13.74 21.92
N SER A 287 -5.34 14.56 22.13
CA SER A 287 -5.57 15.90 22.66
C SER A 287 -6.15 16.85 21.60
N GLN A 288 -5.85 16.61 20.33
CA GLN A 288 -6.40 17.44 19.26
C GLN A 288 -7.91 17.43 19.21
N ILE A 289 -8.57 16.42 19.77
CA ILE A 289 -10.03 16.38 19.82
C ILE A 289 -10.55 16.54 21.25
N GLY A 290 -9.74 17.04 22.18
CA GLY A 290 -10.23 17.39 23.49
C GLY A 290 -10.45 16.24 24.44
N MET A 291 -9.77 15.10 24.24
CA MET A 291 -9.86 14.00 25.16
C MET A 291 -8.95 14.23 26.36
N GLY A 292 -9.45 13.91 27.55
CA GLY A 292 -8.69 14.14 28.76
C GLY A 292 -7.45 13.27 28.87
N LYS A 293 -6.67 13.56 29.92
CA LYS A 293 -5.41 12.87 30.13
C LYS A 293 -5.61 11.37 30.32
N GLU A 294 -6.70 10.97 30.98
CA GLU A 294 -6.91 9.57 31.33
C GLU A 294 -7.15 8.72 30.09
N ILE A 295 -7.99 9.20 29.17
CA ILE A 295 -8.24 8.50 27.91
C ILE A 295 -6.98 8.42 27.05
N SER A 296 -6.05 9.36 27.21
CA SER A 296 -4.78 9.28 26.47
C SER A 296 -3.76 8.37 27.15
N ASP A 297 -3.86 8.19 28.46
CA ASP A 297 -2.90 7.32 29.13
C ASP A 297 -3.10 5.86 28.71
N ILE A 298 -4.33 5.46 28.40
CA ILE A 298 -4.57 4.13 27.87
C ILE A 298 -3.71 3.91 26.62
N LEU A 299 -3.63 4.92 25.76
CA LEU A 299 -2.83 4.81 24.54
C LEU A 299 -1.35 4.78 24.87
N LEU A 300 -0.91 5.66 25.78
CA LEU A 300 0.48 5.68 26.19
C LEU A 300 0.93 4.32 26.71
N PHE A 301 0.04 3.60 27.40
CA PHE A 301 0.41 2.30 27.96
C PHE A 301 0.33 1.18 26.93
N CYS A 302 -0.80 1.06 26.23
CA CYS A 302 -0.96 -0.01 25.25
C CYS A 302 0.04 0.09 24.09
N TRP A 303 0.44 1.30 23.71
CA TRP A 303 1.33 1.50 22.58
C TRP A 303 2.80 1.61 22.98
N ALA A 304 3.12 1.32 24.25
CA ALA A 304 4.49 1.46 24.74
C ALA A 304 5.48 0.77 23.81
N PHE A 305 6.63 1.41 23.61
CA PHE A 305 7.58 0.93 22.59
C PHE A 305 8.21 -0.39 22.99
N GLU A 306 8.61 -0.53 24.25
CA GLU A 306 9.18 -1.77 24.74
C GLU A 306 8.07 -2.66 25.30
N GLN A 307 8.02 -3.90 24.78
CA GLN A 307 6.90 -4.81 25.08
C GLN A 307 6.64 -4.94 26.57
N GLU A 308 7.71 -5.13 27.36
CA GLU A 308 7.55 -5.40 28.78
C GLU A 308 6.87 -4.27 29.53
N GLU A 309 6.77 -3.08 28.94
CA GLU A 309 6.05 -1.97 29.58
C GLU A 309 4.56 -2.01 29.31
N ARG A 310 4.10 -2.83 28.36
CA ARG A 310 2.68 -2.91 28.06
C ARG A 310 1.98 -3.75 29.13
N PRO A 311 0.78 -3.36 29.54
CA PRO A 311 0.04 -4.11 30.55
C PRO A 311 -0.58 -5.38 30.00
N THR A 312 -0.79 -6.34 30.91
CA THR A 312 -1.66 -7.46 30.60
C THR A 312 -3.11 -6.98 30.43
N PHE A 313 -3.96 -7.85 29.90
CA PHE A 313 -5.37 -7.50 29.78
C PHE A 313 -6.05 -7.38 31.14
N THR A 314 -5.56 -8.08 32.16
CA THR A 314 -6.10 -7.88 33.51
C THR A 314 -5.81 -6.47 34.01
N LYS A 315 -4.55 -6.06 33.96
CA LYS A 315 -4.18 -4.70 34.34
C LYS A 315 -4.93 -3.69 33.49
N LEU A 316 -5.03 -3.95 32.18
CA LEU A 316 -5.75 -3.02 31.31
C LEU A 316 -7.21 -2.88 31.73
N MET A 317 -7.85 -4.01 32.06
CA MET A 317 -9.22 -3.98 32.56
C MET A 317 -9.33 -3.10 33.79
N ASP A 318 -8.34 -3.20 34.68
CA ASP A 318 -8.33 -2.34 35.86
C ASP A 318 -8.21 -0.88 35.46
N MET A 319 -7.22 -0.55 34.64
CA MET A 319 -7.02 0.82 34.18
C MET A 319 -8.28 1.39 33.54
N LEU A 320 -9.01 0.57 32.78
CA LEU A 320 -10.22 1.02 32.13
C LEU A 320 -11.36 1.25 33.12
N GLU A 321 -11.42 0.43 34.17
CA GLU A 321 -12.44 0.64 35.20
C GLU A 321 -12.33 2.01 35.85
N LYS A 322 -11.11 2.54 35.98
CA LYS A 322 -10.86 3.76 36.72
C LYS A 322 -11.02 5.03 35.88
N LEU A 323 -11.68 4.96 34.72
CA LEU A 323 -11.94 6.17 33.98
C LEU A 323 -13.18 6.88 34.52
N PRO A 324 -13.29 8.20 34.34
CA PRO A 324 -14.50 8.95 34.67
C PRO A 324 -15.66 8.62 33.74
N GLU B 32 9.96 27.62 -22.75
CA GLU B 32 8.96 26.58 -22.53
C GLU B 32 7.97 26.53 -23.69
N LEU B 33 8.49 26.56 -24.91
CA LEU B 33 7.66 26.37 -26.09
C LEU B 33 8.56 25.98 -27.26
N ASP B 34 8.08 25.03 -28.07
CA ASP B 34 8.73 24.63 -29.31
C ASP B 34 7.64 24.48 -30.37
N GLU B 35 8.06 24.37 -31.63
CA GLU B 35 7.13 24.18 -32.73
C GLU B 35 6.78 22.71 -32.95
N GLN B 36 7.77 21.88 -33.27
CA GLN B 36 7.52 20.45 -33.50
C GLN B 36 6.68 19.81 -32.40
N GLN B 37 6.95 20.17 -31.15
CA GLN B 37 6.11 19.73 -30.04
C GLN B 37 4.67 20.24 -30.18
N ARG B 38 4.50 21.53 -30.47
CA ARG B 38 3.17 22.05 -30.79
C ARG B 38 2.45 21.19 -31.83
N LYS B 39 3.17 20.80 -32.89
CA LYS B 39 2.55 20.02 -33.94
C LYS B 39 2.08 18.67 -33.41
N ARG B 40 2.96 17.97 -32.69
CA ARG B 40 2.60 16.66 -32.15
C ARG B 40 1.43 16.77 -31.18
N LEU B 41 1.39 17.83 -30.36
CA LEU B 41 0.27 18.01 -29.44
C LEU B 41 -1.04 18.29 -30.18
N GLU B 42 -0.98 19.12 -31.23
CA GLU B 42 -2.15 19.33 -32.09
C GLU B 42 -2.64 18.00 -32.64
N ALA B 43 -1.71 17.17 -33.12
CA ALA B 43 -2.08 15.88 -33.68
C ALA B 43 -2.75 15.00 -32.63
N PHE B 44 -2.22 15.00 -31.41
CA PHE B 44 -2.84 14.22 -30.35
C PHE B 44 -4.24 14.73 -30.01
N LEU B 45 -4.43 16.05 -29.98
CA LEU B 45 -5.77 16.60 -29.81
C LEU B 45 -6.73 16.09 -30.88
N THR B 46 -6.35 16.26 -32.15
CA THR B 46 -7.10 15.66 -33.26
C THR B 46 -7.42 14.19 -33.00
N GLN B 47 -6.45 13.43 -32.51
CA GLN B 47 -6.69 12.00 -32.33
C GLN B 47 -7.72 11.76 -31.23
N LYS B 48 -7.55 12.45 -30.10
CA LYS B 48 -8.45 12.24 -28.97
C LYS B 48 -9.87 12.63 -29.34
N GLN B 49 -10.02 13.52 -30.33
CA GLN B 49 -11.35 13.83 -30.86
C GLN B 49 -12.06 12.57 -31.37
N LYS B 50 -11.28 11.60 -31.87
CA LYS B 50 -11.85 10.41 -32.53
C LYS B 50 -12.69 9.56 -31.57
N VAL B 51 -12.30 9.49 -30.30
CA VAL B 51 -12.76 8.39 -29.45
C VAL B 51 -14.19 8.59 -28.98
N GLY B 52 -14.64 9.83 -28.78
CA GLY B 52 -15.80 10.08 -27.95
C GLY B 52 -15.80 9.38 -26.61
N GLU B 53 -16.67 8.39 -26.45
CA GLU B 53 -16.88 7.67 -25.19
C GLU B 53 -16.36 6.25 -25.29
N LEU B 54 -16.15 5.64 -24.13
CA LEU B 54 -15.49 4.35 -24.00
C LEU B 54 -16.36 3.39 -23.20
N LYS B 55 -16.22 2.10 -23.49
CA LYS B 55 -16.71 1.06 -22.59
C LYS B 55 -16.06 -0.26 -22.99
N ASP B 56 -16.25 -1.27 -22.12
CA ASP B 56 -15.39 -2.45 -22.07
C ASP B 56 -15.19 -3.10 -23.44
N ASP B 57 -16.28 -3.36 -24.16
CA ASP B 57 -16.20 -4.16 -25.39
C ASP B 57 -15.56 -3.42 -26.55
N ASP B 58 -15.31 -2.11 -26.42
CA ASP B 58 -14.55 -1.39 -27.44
C ASP B 58 -13.13 -1.93 -27.62
N PHE B 59 -12.62 -2.69 -26.66
CA PHE B 59 -11.19 -2.95 -26.54
C PHE B 59 -10.87 -4.44 -26.62
N GLU B 60 -9.81 -4.76 -27.38
CA GLU B 60 -9.37 -6.14 -27.59
C GLU B 60 -7.94 -6.28 -27.07
N LYS B 61 -7.77 -7.09 -26.02
CA LYS B 61 -6.47 -7.34 -25.41
C LYS B 61 -5.39 -7.78 -26.41
N ILE B 62 -4.35 -6.95 -26.58
CA ILE B 62 -3.20 -7.37 -27.38
C ILE B 62 -2.09 -7.94 -26.52
N SER B 63 -1.67 -7.23 -25.48
CA SER B 63 -0.59 -7.78 -24.68
C SER B 63 -0.61 -7.21 -23.26
N GLU B 64 0.14 -7.87 -22.38
CA GLU B 64 0.28 -7.45 -21.00
C GLU B 64 1.53 -6.58 -20.83
N LEU B 65 1.39 -5.53 -20.02
CA LEU B 65 2.48 -4.58 -19.81
C LEU B 65 3.02 -4.68 -18.39
N VAL B 72 -3.53 -3.33 -13.12
CA VAL B 72 -2.58 -3.86 -14.10
C VAL B 72 -2.83 -3.18 -15.44
N VAL B 73 -1.78 -3.06 -16.25
CA VAL B 73 -1.83 -2.29 -17.50
C VAL B 73 -1.71 -3.25 -18.68
N PHE B 74 -2.50 -2.99 -19.71
CA PHE B 74 -2.53 -3.81 -20.91
C PHE B 74 -2.41 -2.93 -22.15
N LYS B 75 -1.63 -3.38 -23.13
CA LYS B 75 -1.68 -2.80 -24.46
C LYS B 75 -2.93 -3.32 -25.15
N VAL B 76 -3.82 -2.39 -25.54
CA VAL B 76 -5.14 -2.72 -26.04
C VAL B 76 -5.46 -1.92 -27.30
N SER B 77 -6.40 -2.46 -28.10
CA SER B 77 -6.78 -1.89 -29.38
C SER B 77 -8.22 -1.41 -29.29
N HIS B 78 -8.41 -0.11 -29.37
CA HIS B 78 -9.74 0.45 -29.57
C HIS B 78 -10.24 0.05 -30.95
N LYS B 79 -11.46 -0.42 -31.02
CA LYS B 79 -12.09 -0.79 -32.30
C LYS B 79 -12.89 0.37 -32.88
N PRO B 80 -13.70 1.10 -32.09
CA PRO B 80 -14.36 2.28 -32.68
C PRO B 80 -13.38 3.24 -33.34
N SER B 81 -12.10 3.16 -32.98
CA SER B 81 -11.08 3.98 -33.62
C SER B 81 -9.78 3.20 -33.62
N GLY B 82 -9.05 3.26 -34.74
CA GLY B 82 -7.95 2.35 -34.97
C GLY B 82 -6.78 2.46 -34.01
N LEU B 83 -6.96 3.17 -32.90
CA LEU B 83 -5.86 3.49 -31.99
C LEU B 83 -5.40 2.28 -31.17
N VAL B 84 -4.09 2.17 -30.97
CA VAL B 84 -3.51 1.35 -29.91
C VAL B 84 -3.30 2.22 -28.69
N MET B 85 -3.98 1.88 -27.61
CA MET B 85 -3.91 2.58 -26.33
C MET B 85 -3.30 1.68 -25.28
N ALA B 86 -2.94 2.28 -24.14
CA ALA B 86 -2.65 1.53 -22.93
C ALA B 86 -3.78 1.73 -21.94
N ARG B 87 -4.31 0.63 -21.39
CA ARG B 87 -5.40 0.71 -20.43
C ARG B 87 -4.94 0.10 -19.11
N LYS B 88 -4.93 0.91 -18.06
CA LYS B 88 -4.63 0.44 -16.71
C LYS B 88 -5.93 0.25 -15.95
N LEU B 89 -6.06 -0.89 -15.27
CA LEU B 89 -7.26 -1.26 -14.54
C LEU B 89 -6.93 -1.30 -13.05
N ILE B 90 -7.46 -0.33 -12.30
CA ILE B 90 -7.35 -0.28 -10.86
C ILE B 90 -8.61 -0.91 -10.27
N HIS B 91 -8.43 -1.97 -9.49
CA HIS B 91 -9.56 -2.65 -8.86
C HIS B 91 -9.99 -1.91 -7.59
N LEU B 92 -11.18 -1.33 -7.62
CA LEU B 92 -11.78 -0.70 -6.46
C LEU B 92 -13.15 -1.32 -6.20
N GLU B 93 -13.52 -1.42 -4.92
CA GLU B 93 -14.77 -2.07 -4.49
C GLU B 93 -15.45 -1.17 -3.48
N ILE B 94 -16.13 -0.12 -3.96
CA ILE B 94 -16.86 0.81 -3.10
C ILE B 94 -18.05 1.39 -3.85
N LYS B 95 -18.95 2.03 -3.09
CA LYS B 95 -20.27 2.40 -3.57
C LYS B 95 -20.19 3.43 -4.71
N PRO B 96 -21.25 3.56 -5.50
CA PRO B 96 -21.15 4.35 -6.75
C PRO B 96 -20.83 5.83 -6.55
N ALA B 97 -21.25 6.45 -5.43
CA ALA B 97 -21.04 7.88 -5.30
C ALA B 97 -19.55 8.21 -5.27
N ILE B 98 -18.76 7.35 -4.62
CA ILE B 98 -17.34 7.64 -4.54
C ILE B 98 -16.66 7.44 -5.89
N ARG B 99 -17.04 6.40 -6.63
CA ARG B 99 -16.44 6.20 -7.94
C ARG B 99 -16.85 7.33 -8.90
N ASN B 100 -18.05 7.89 -8.74
CA ASN B 100 -18.40 9.05 -9.56
C ASN B 100 -17.53 10.24 -9.22
N GLN B 101 -17.24 10.44 -7.92
CA GLN B 101 -16.30 11.47 -7.54
C GLN B 101 -14.91 11.20 -8.13
N ILE B 102 -14.51 9.93 -8.16
CA ILE B 102 -13.22 9.55 -8.76
C ILE B 102 -13.15 9.99 -10.21
N ILE B 103 -14.17 9.67 -11.01
CA ILE B 103 -14.13 10.01 -12.43
C ILE B 103 -14.22 11.52 -12.63
N ARG B 104 -15.03 12.22 -11.83
CA ARG B 104 -15.03 13.67 -11.92
C ARG B 104 -13.65 14.25 -11.68
N GLU B 105 -12.96 13.76 -10.63
CA GLU B 105 -11.61 14.26 -10.36
C GLU B 105 -10.64 13.86 -11.47
N LEU B 106 -10.81 12.68 -12.07
CA LEU B 106 -9.93 12.21 -13.12
C LEU B 106 -10.11 12.98 -14.42
N GLN B 107 -11.26 13.61 -14.62
CA GLN B 107 -11.50 14.31 -15.88
C GLN B 107 -10.54 15.47 -16.09
N VAL B 108 -9.82 15.91 -15.05
CA VAL B 108 -8.91 17.05 -15.17
C VAL B 108 -7.78 16.77 -16.14
N LEU B 109 -7.42 15.50 -16.33
CA LEU B 109 -6.31 15.16 -17.23
C LEU B 109 -6.61 15.47 -18.69
N HIS B 110 -7.89 15.54 -19.07
CA HIS B 110 -8.22 16.00 -20.41
C HIS B 110 -7.70 17.41 -20.64
N GLU B 111 -7.59 18.21 -19.58
CA GLU B 111 -7.20 19.61 -19.69
C GLU B 111 -5.69 19.78 -19.75
N CYS B 112 -4.95 19.01 -18.97
CA CYS B 112 -3.49 19.10 -18.98
C CYS B 112 -2.93 18.44 -20.23
N ASN B 113 -2.06 19.17 -20.93
CA ASN B 113 -1.45 18.70 -22.17
C ASN B 113 -0.04 19.28 -22.27
N SER B 114 0.94 18.40 -22.48
CA SER B 114 2.34 18.82 -22.49
C SER B 114 3.16 17.80 -23.27
N PRO B 115 4.25 18.22 -23.91
CA PRO B 115 5.17 17.24 -24.53
C PRO B 115 5.89 16.37 -23.52
N TYR B 116 5.81 16.71 -22.23
CA TYR B 116 6.46 15.98 -21.15
C TYR B 116 5.46 15.24 -20.27
N ILE B 117 4.23 15.05 -20.76
CA ILE B 117 3.19 14.34 -20.04
C ILE B 117 2.56 13.33 -21.00
N VAL B 118 2.41 12.08 -20.53
CA VAL B 118 1.72 11.08 -21.33
C VAL B 118 0.27 11.51 -21.57
N GLY B 119 -0.25 11.14 -22.74
CA GLY B 119 -1.57 11.60 -23.13
C GLY B 119 -2.69 10.78 -22.52
N PHE B 120 -3.72 11.48 -22.07
CA PHE B 120 -4.88 10.91 -21.38
C PHE B 120 -6.10 10.96 -22.29
N TYR B 121 -6.94 9.92 -22.24
CA TYR B 121 -8.02 9.85 -23.20
C TYR B 121 -9.40 9.78 -22.57
N GLY B 122 -9.54 9.05 -21.46
CA GLY B 122 -10.80 9.03 -20.75
C GLY B 122 -10.77 8.02 -19.62
N ALA B 123 -11.71 8.15 -18.68
CA ALA B 123 -11.78 7.23 -17.55
C ALA B 123 -13.23 6.84 -17.34
N PHE B 124 -13.48 5.52 -17.35
CA PHE B 124 -14.79 4.96 -17.12
C PHE B 124 -14.68 3.86 -16.08
N TYR B 125 -15.83 3.40 -15.60
CA TYR B 125 -15.89 2.33 -14.62
C TYR B 125 -16.54 1.10 -15.24
N SER B 126 -15.98 -0.07 -14.93
CA SER B 126 -16.47 -1.33 -15.48
C SER B 126 -16.17 -2.43 -14.47
N ASP B 127 -17.23 -3.06 -13.96
CA ASP B 127 -17.15 -4.40 -13.36
C ASP B 127 -16.16 -4.43 -12.21
N GLY B 128 -16.32 -3.51 -11.26
CA GLY B 128 -15.46 -3.43 -10.10
C GLY B 128 -14.05 -2.97 -10.38
N GLU B 129 -13.79 -2.39 -11.55
CA GLU B 129 -12.48 -1.84 -11.88
C GLU B 129 -12.67 -0.50 -12.60
N ILE B 130 -11.89 0.50 -12.18
CA ILE B 130 -11.83 1.76 -12.92
C ILE B 130 -10.70 1.66 -13.94
N SER B 131 -10.98 2.11 -15.16
CA SER B 131 -10.04 2.07 -16.27
C SER B 131 -9.53 3.47 -16.56
N ILE B 132 -8.21 3.60 -16.69
CA ILE B 132 -7.58 4.80 -17.24
C ILE B 132 -6.91 4.40 -18.55
N CYS B 133 -7.34 5.01 -19.65
CA CYS B 133 -6.74 4.77 -20.95
C CYS B 133 -5.92 5.97 -21.41
N MET B 134 -4.71 5.68 -21.87
CA MET B 134 -3.70 6.69 -22.11
C MET B 134 -2.92 6.33 -23.37
N GLU B 135 -2.10 7.28 -23.80
CA GLU B 135 -1.14 7.05 -24.87
C GLU B 135 -0.28 5.84 -24.57
N HIS B 136 -0.12 4.95 -25.55
CA HIS B 136 0.74 3.79 -25.40
C HIS B 136 2.18 4.16 -25.78
N MET B 137 3.13 3.75 -24.95
CA MET B 137 4.54 4.08 -25.15
C MET B 137 5.31 2.81 -25.49
N ASP B 138 5.76 2.71 -26.75
CA ASP B 138 6.31 1.47 -27.26
C ASP B 138 7.69 1.15 -26.68
N GLY B 139 8.29 2.07 -25.93
CA GLY B 139 9.58 1.80 -25.32
C GLY B 139 9.47 1.33 -23.88
N GLY B 140 8.32 1.56 -23.26
CA GLY B 140 8.10 1.15 -21.89
C GLY B 140 8.65 2.16 -20.89
N SER B 141 8.77 1.69 -19.65
CA SER B 141 9.29 2.50 -18.56
C SER B 141 10.81 2.36 -18.51
N LEU B 142 11.46 3.38 -17.92
CA LEU B 142 12.91 3.31 -17.81
C LEU B 142 13.37 2.23 -16.84
N ASP B 143 12.47 1.74 -15.98
CA ASP B 143 12.77 0.55 -15.19
C ASP B 143 13.20 -0.61 -16.08
N GLN B 144 12.38 -0.95 -17.07
CA GLN B 144 12.68 -2.15 -17.86
C GLN B 144 13.77 -1.89 -18.90
N VAL B 145 13.86 -0.68 -19.44
CA VAL B 145 14.96 -0.38 -20.35
C VAL B 145 16.29 -0.46 -19.59
N LEU B 146 16.32 0.04 -18.35
CA LEU B 146 17.53 -0.13 -17.54
C LEU B 146 17.75 -1.59 -17.22
N LYS B 147 16.67 -2.36 -17.06
CA LYS B 147 16.80 -3.79 -16.78
C LYS B 147 17.50 -4.50 -17.93
N LYS B 148 17.19 -4.12 -19.18
CA LYS B 148 17.80 -4.81 -20.31
C LYS B 148 19.17 -4.25 -20.66
N ALA B 149 19.31 -2.92 -20.69
CA ALA B 149 20.64 -2.34 -20.78
C ALA B 149 21.42 -2.59 -19.49
N GLY B 150 22.70 -2.28 -19.53
CA GLY B 150 23.51 -2.44 -18.33
C GLY B 150 23.36 -1.24 -17.43
N ARG B 151 23.72 -0.07 -17.95
CA ARG B 151 23.51 1.21 -17.30
C ARG B 151 23.17 2.24 -18.38
N ILE B 152 22.55 3.33 -17.98
CA ILE B 152 22.11 4.37 -18.90
C ILE B 152 23.16 5.47 -18.92
N PRO B 153 23.66 5.87 -20.10
CA PRO B 153 24.78 6.82 -20.15
C PRO B 153 24.35 8.23 -19.75
N GLU B 154 25.35 9.04 -19.40
CA GLU B 154 25.11 10.27 -18.66
C GLU B 154 24.29 11.27 -19.47
N GLN B 155 24.52 11.33 -20.79
CA GLN B 155 23.90 12.36 -21.61
C GLN B 155 22.41 12.09 -21.81
N ILE B 156 22.05 10.82 -22.00
CA ILE B 156 20.64 10.46 -22.06
C ILE B 156 19.97 10.76 -20.72
N LEU B 157 20.65 10.47 -19.62
CA LEU B 157 20.10 10.84 -18.31
C LEU B 157 19.96 12.35 -18.18
N GLY B 158 20.84 13.11 -18.82
CA GLY B 158 20.65 14.55 -18.87
C GLY B 158 19.37 14.93 -19.57
N LYS B 159 19.14 14.34 -20.75
CA LYS B 159 17.91 14.63 -21.50
C LYS B 159 16.68 14.29 -20.66
N VAL B 160 16.66 13.11 -20.05
CA VAL B 160 15.51 12.72 -19.24
C VAL B 160 15.37 13.65 -18.04
N SER B 161 16.49 14.12 -17.47
CA SER B 161 16.40 15.09 -16.38
C SER B 161 15.70 16.36 -16.83
N ILE B 162 16.06 16.88 -18.02
CA ILE B 162 15.38 18.07 -18.52
C ILE B 162 13.89 17.79 -18.69
N ALA B 163 13.56 16.62 -19.25
CA ALA B 163 12.16 16.27 -19.47
C ALA B 163 11.40 16.29 -18.15
N VAL B 164 11.93 15.60 -17.13
CA VAL B 164 11.25 15.49 -15.85
C VAL B 164 11.12 16.85 -15.17
N ILE B 165 12.19 17.66 -15.19
CA ILE B 165 12.12 18.93 -14.48
C ILE B 165 11.09 19.84 -15.15
N LYS B 166 11.04 19.84 -16.49
CA LYS B 166 10.08 20.72 -17.16
C LYS B 166 8.66 20.22 -16.97
N GLY B 167 8.46 18.89 -16.98
CA GLY B 167 7.15 18.34 -16.68
C GLY B 167 6.65 18.73 -15.30
N LEU B 168 7.49 18.54 -14.27
CA LEU B 168 7.10 18.93 -12.93
C LEU B 168 6.82 20.42 -12.83
N THR B 169 7.64 21.25 -13.49
CA THR B 169 7.39 22.69 -13.48
C THR B 169 6.05 22.99 -14.11
N TYR B 170 5.72 22.30 -15.22
CA TYR B 170 4.43 22.47 -15.87
C TYR B 170 3.30 22.17 -14.90
N LEU B 171 3.36 21.01 -14.25
CA LEU B 171 2.27 20.63 -13.35
C LEU B 171 2.11 21.65 -12.24
N ARG B 172 3.22 22.02 -11.60
CA ARG B 172 3.14 22.96 -10.48
C ARG B 172 2.60 24.31 -10.93
N GLU B 173 3.06 24.81 -12.07
CA GLU B 173 2.74 26.18 -12.45
C GLU B 173 1.34 26.31 -13.04
N LYS B 174 0.91 25.33 -13.85
CA LYS B 174 -0.38 25.45 -14.52
C LYS B 174 -1.52 24.66 -13.87
N HIS B 175 -1.24 23.73 -12.96
CA HIS B 175 -2.32 23.00 -12.30
C HIS B 175 -2.20 22.88 -10.79
N LYS B 176 -1.13 23.41 -10.19
CA LYS B 176 -0.96 23.43 -8.74
C LYS B 176 -1.01 22.03 -8.15
N ILE B 177 -0.46 21.05 -8.87
CA ILE B 177 -0.37 19.67 -8.40
C ILE B 177 1.09 19.25 -8.41
N MET B 178 1.47 18.45 -7.42
CA MET B 178 2.75 17.76 -7.43
C MET B 178 2.56 16.30 -7.84
N HIS B 179 3.60 15.72 -8.43
CA HIS B 179 3.50 14.37 -8.98
C HIS B 179 3.22 13.35 -7.88
N ARG B 180 4.03 13.37 -6.82
CA ARG B 180 3.93 12.57 -5.60
C ARG B 180 4.43 11.14 -5.79
N ASP B 181 4.82 10.71 -6.99
CA ASP B 181 5.31 9.34 -7.17
C ASP B 181 6.21 9.21 -8.38
N VAL B 182 7.28 9.99 -8.47
CA VAL B 182 8.21 9.85 -9.59
C VAL B 182 9.21 8.75 -9.25
N LYS B 183 9.43 7.86 -10.20
CA LYS B 183 10.37 6.73 -10.10
C LYS B 183 10.55 6.19 -11.51
N PRO B 184 11.55 5.34 -11.77
CA PRO B 184 11.79 4.92 -13.17
C PRO B 184 10.58 4.32 -13.85
N SER B 185 9.80 3.50 -13.14
CA SER B 185 8.66 2.82 -13.76
C SER B 185 7.58 3.78 -14.25
N ASN B 186 7.55 5.02 -13.74
CA ASN B 186 6.56 6.00 -14.17
C ASN B 186 7.14 7.07 -15.09
N ILE B 187 8.29 6.81 -15.72
CA ILE B 187 8.85 7.69 -16.73
C ILE B 187 8.89 6.89 -18.03
N LEU B 188 8.23 7.38 -19.06
CA LEU B 188 8.01 6.59 -20.26
C LEU B 188 8.70 7.20 -21.47
N VAL B 189 9.15 6.31 -22.36
CA VAL B 189 10.04 6.61 -23.47
C VAL B 189 9.49 5.94 -24.73
N ASN B 190 9.75 6.53 -25.89
CA ASN B 190 9.20 6.02 -27.13
C ASN B 190 10.24 6.10 -28.25
N SER B 191 9.96 5.36 -29.32
CA SER B 191 10.87 5.29 -30.47
C SER B 191 10.87 6.58 -31.28
N ARG B 192 9.88 7.45 -31.07
CA ARG B 192 9.92 8.78 -31.66
C ARG B 192 10.78 9.75 -30.86
N GLY B 193 11.08 9.41 -29.60
CA GLY B 193 12.09 10.09 -28.82
C GLY B 193 11.59 11.06 -27.78
N GLU B 194 10.31 11.01 -27.42
CA GLU B 194 9.77 11.83 -26.34
C GLU B 194 9.91 11.07 -25.02
N ILE B 195 10.09 11.83 -23.94
CA ILE B 195 10.11 11.27 -22.59
C ILE B 195 9.08 12.02 -21.76
N LYS B 196 8.15 11.28 -21.15
CA LYS B 196 7.10 11.94 -20.39
C LYS B 196 6.83 11.24 -19.07
N LEU B 197 6.28 12.02 -18.14
CA LEU B 197 5.86 11.59 -16.82
C LEU B 197 4.46 10.98 -16.87
N CYS B 198 4.15 10.18 -15.87
CA CYS B 198 2.95 9.36 -15.87
C CYS B 198 2.63 9.03 -14.43
N ASP B 199 1.36 8.69 -14.19
CA ASP B 199 0.92 8.15 -12.89
C ASP B 199 1.10 9.19 -11.79
N PHE B 200 0.83 10.45 -12.09
CA PHE B 200 1.03 11.51 -11.11
C PHE B 200 -0.25 11.81 -10.32
N GLY B 201 -0.06 12.51 -9.20
CA GLY B 201 -1.14 12.61 -8.23
C GLY B 201 -2.22 13.67 -8.42
N VAL B 202 -3.22 13.39 -9.25
CA VAL B 202 -4.22 14.42 -9.50
C VAL B 202 -5.42 14.31 -8.56
N SER B 203 -5.72 13.10 -8.07
CA SER B 203 -6.99 12.83 -7.37
C SER B 203 -6.75 12.32 -5.95
N GLY B 204 -7.03 13.17 -4.96
CA GLY B 204 -6.93 12.76 -3.56
C GLY B 204 -7.84 11.57 -3.22
N GLN B 205 -9.03 11.55 -3.81
CA GLN B 205 -9.98 10.49 -3.50
C GLN B 205 -9.52 9.15 -4.03
N LEU B 206 -8.82 9.13 -5.17
CA LEU B 206 -8.31 7.85 -5.66
C LEU B 206 -7.25 7.32 -4.71
N ILE B 207 -6.45 8.23 -4.12
CA ILE B 207 -5.50 7.84 -3.10
C ILE B 207 -6.22 7.20 -1.91
N ASP B 208 -7.31 7.82 -1.48
CA ASP B 208 -8.09 7.25 -0.38
C ASP B 208 -8.66 5.87 -0.75
N SER B 209 -9.19 5.72 -1.96
CA SER B 209 -10.01 4.57 -2.31
C SER B 209 -9.23 3.29 -2.55
N MET B 210 -7.92 3.37 -2.79
CA MET B 210 -7.16 2.16 -3.06
C MET B 210 -6.96 1.35 -1.79
N ALA B 211 -7.31 0.05 -1.84
CA ALA B 211 -7.44 -0.74 -0.63
C ALA B 211 -6.10 -1.13 -0.03
N ASN B 212 -5.10 -1.39 -0.86
CA ASN B 212 -3.86 -1.99 -0.38
C ASN B 212 -2.72 -1.60 -1.30
N SER B 213 -1.57 -1.32 -0.71
CA SER B 213 -0.39 -0.89 -1.44
C SER B 213 0.71 -1.94 -1.34
N PHE B 214 1.68 -1.84 -2.23
CA PHE B 214 2.81 -2.76 -2.30
C PHE B 214 4.08 -2.02 -1.90
N VAL B 215 4.82 -2.56 -0.94
CA VAL B 215 6.10 -2.00 -0.53
C VAL B 215 7.18 -3.07 -0.74
N GLY B 216 8.19 -2.72 -1.52
CA GLY B 216 9.24 -3.67 -1.87
C GLY B 216 10.56 -3.29 -1.23
N THR B 217 11.67 -3.57 -1.92
CA THR B 217 12.99 -3.29 -1.40
C THR B 217 13.58 -2.00 -1.95
N ARG B 218 12.91 -1.36 -2.91
CA ARG B 218 13.32 -0.07 -3.45
C ARG B 218 12.27 0.97 -3.07
N SER B 219 12.67 1.92 -2.22
CA SER B 219 11.81 3.06 -1.88
C SER B 219 12.35 4.31 -2.58
N TYR B 220 11.44 5.11 -3.13
CA TYR B 220 11.78 6.41 -3.68
C TYR B 220 11.12 7.56 -2.93
N MET B 221 10.64 7.30 -1.72
CA MET B 221 10.01 8.34 -0.90
C MET B 221 11.06 9.21 -0.21
N SER B 222 10.81 10.52 -0.23
CA SER B 222 11.74 11.48 0.36
C SER B 222 11.82 11.30 1.87
N PRO B 223 12.95 11.68 2.48
CA PRO B 223 13.05 11.60 3.95
C PRO B 223 11.97 12.35 4.70
N GLU B 224 11.56 13.54 4.22
CA GLU B 224 10.57 14.30 4.96
C GLU B 224 9.18 13.68 4.85
N ARG B 225 8.86 13.04 3.72
CA ARG B 225 7.60 12.32 3.61
C ARG B 225 7.59 11.09 4.52
N LEU B 226 8.71 10.35 4.57
CA LEU B 226 8.80 9.22 5.48
C LEU B 226 8.53 9.61 6.93
N GLN B 227 8.90 10.84 7.30
CA GLN B 227 8.76 11.28 8.69
C GLN B 227 7.42 11.98 8.93
N GLY B 228 6.60 12.15 7.90
CA GLY B 228 5.27 12.71 8.06
C GLY B 228 5.22 14.22 8.28
N THR B 229 6.23 14.94 7.80
CA THR B 229 6.22 16.40 7.87
C THR B 229 5.73 16.98 6.55
N HIS B 230 5.44 18.29 6.58
CA HIS B 230 4.91 18.97 5.41
C HIS B 230 5.90 18.86 4.25
N TYR B 231 5.36 18.68 3.04
CA TYR B 231 6.21 18.46 1.88
C TYR B 231 5.62 19.17 0.66
N SER B 232 6.47 19.28 -0.36
CA SER B 232 6.14 20.00 -1.59
C SER B 232 6.75 19.21 -2.74
N VAL B 233 6.99 19.89 -3.87
CA VAL B 233 7.61 19.25 -5.02
C VAL B 233 9.08 18.94 -4.79
N GLN B 234 9.67 19.49 -3.73
CA GLN B 234 11.01 19.07 -3.30
C GLN B 234 11.09 17.56 -3.12
N SER B 235 10.01 16.94 -2.65
CA SER B 235 10.00 15.48 -2.50
C SER B 235 10.12 14.80 -3.86
N ASP B 236 9.43 15.33 -4.87
CA ASP B 236 9.58 14.81 -6.22
C ASP B 236 11.00 15.00 -6.72
N ILE B 237 11.63 16.13 -6.37
CA ILE B 237 13.01 16.36 -6.80
C ILE B 237 13.94 15.32 -6.17
N TRP B 238 13.75 15.03 -4.88
CA TRP B 238 14.51 13.95 -4.24
C TRP B 238 14.30 12.62 -4.94
N SER B 239 13.04 12.27 -5.21
CA SER B 239 12.75 10.99 -5.87
C SER B 239 13.42 10.94 -7.24
N MET B 240 13.45 12.06 -7.94
CA MET B 240 14.09 12.11 -9.25
C MET B 240 15.60 11.89 -9.12
N GLY B 241 16.23 12.59 -8.19
CA GLY B 241 17.64 12.36 -7.91
C GLY B 241 17.95 10.89 -7.66
N LEU B 242 17.17 10.26 -6.77
CA LEU B 242 17.42 8.85 -6.46
C LEU B 242 17.23 7.97 -7.69
N SER B 243 16.21 8.26 -8.51
CA SER B 243 16.02 7.48 -9.73
C SER B 243 17.20 7.66 -10.67
N LEU B 244 17.69 8.89 -10.77
CA LEU B 244 18.80 9.18 -11.68
C LEU B 244 20.07 8.44 -11.27
N VAL B 245 20.38 8.44 -9.97
CA VAL B 245 21.58 7.72 -9.54
C VAL B 245 21.41 6.22 -9.75
N GLU B 246 20.21 5.70 -9.49
CA GLU B 246 19.98 4.27 -9.72
C GLU B 246 20.20 3.92 -11.19
N MET B 247 19.63 4.72 -12.10
CA MET B 247 19.78 4.47 -13.52
C MET B 247 21.23 4.64 -13.99
N ALA B 248 21.96 5.59 -13.39
CA ALA B 248 23.34 5.82 -13.78
C ALA B 248 24.25 4.68 -13.33
N VAL B 249 23.99 4.09 -12.16
CA VAL B 249 24.88 3.06 -11.66
C VAL B 249 24.40 1.65 -12.04
N GLY B 250 23.13 1.48 -12.38
CA GLY B 250 22.61 0.19 -12.76
C GLY B 250 22.18 -0.67 -11.60
N ARG B 251 22.09 -0.08 -10.41
CA ARG B 251 21.73 -0.77 -9.18
C ARG B 251 21.01 0.22 -8.28
N TYR B 252 19.97 -0.25 -7.60
CA TYR B 252 19.35 0.58 -6.59
C TYR B 252 20.40 0.87 -5.50
N PRO B 253 20.63 2.13 -5.16
CA PRO B 253 21.88 2.51 -4.49
C PRO B 253 21.85 2.49 -2.97
N ILE B 254 20.79 1.97 -2.35
CA ILE B 254 20.69 1.90 -0.90
C ILE B 254 20.38 0.46 -0.51
N PRO B 255 21.19 -0.19 0.31
CA PRO B 255 22.42 0.36 0.90
C PRO B 255 23.53 0.46 -0.14
N PRO B 256 24.44 1.42 0.03
CA PRO B 256 25.52 1.60 -0.96
C PRO B 256 26.34 0.33 -1.07
N PRO B 257 26.78 -0.02 -2.28
CA PRO B 257 27.62 -1.21 -2.43
C PRO B 257 29.01 -0.97 -1.89
N ASP B 258 29.67 -2.08 -1.53
CA ASP B 258 31.04 -2.04 -1.08
C ASP B 258 31.99 -1.91 -2.28
N ALA B 259 33.30 -1.82 -1.99
CA ALA B 259 34.28 -1.63 -3.05
C ALA B 259 34.24 -2.77 -4.06
N LYS B 260 33.90 -3.99 -3.63
CA LYS B 260 33.95 -5.14 -4.53
C LYS B 260 32.95 -5.00 -5.68
N GLU B 261 31.73 -4.56 -5.38
CA GLU B 261 30.72 -4.50 -6.43
C GLU B 261 30.88 -3.27 -7.31
N LEU B 262 31.34 -2.14 -6.74
CA LEU B 262 31.67 -1.01 -7.61
C LEU B 262 32.85 -1.33 -8.51
N GLU B 263 33.80 -2.13 -7.99
CA GLU B 263 34.90 -2.66 -8.79
C GLU B 263 34.39 -3.46 -9.99
N LEU B 264 33.56 -4.47 -9.71
CA LEU B 264 33.07 -5.32 -10.80
C LEU B 264 32.10 -4.61 -11.73
N MET B 265 31.40 -3.57 -11.26
CA MET B 265 30.47 -2.87 -12.15
C MET B 265 31.20 -2.18 -13.30
N PHE B 266 32.35 -1.57 -13.01
CA PHE B 266 33.07 -0.81 -14.02
C PHE B 266 34.46 -1.41 -14.25
N PRO B 298 18.79 -9.39 1.47
CA PRO B 298 18.42 -9.86 2.81
C PRO B 298 18.29 -8.70 3.80
N MET B 299 17.40 -7.76 3.52
CA MET B 299 17.22 -6.56 4.32
C MET B 299 15.75 -6.33 4.61
N ALA B 300 15.43 -5.97 5.85
CA ALA B 300 14.05 -5.67 6.22
C ALA B 300 13.68 -4.24 5.82
N ILE B 301 12.43 -4.09 5.38
CA ILE B 301 11.90 -2.81 4.91
C ILE B 301 12.25 -1.66 5.85
N PHE B 302 12.04 -1.88 7.16
CA PHE B 302 12.22 -0.80 8.12
C PHE B 302 13.64 -0.27 8.15
N GLU B 303 14.64 -1.15 8.04
CA GLU B 303 15.99 -0.63 8.19
C GLU B 303 16.49 0.02 6.91
N LEU B 304 15.92 -0.35 5.75
CA LEU B 304 16.12 0.45 4.55
C LEU B 304 15.54 1.85 4.72
N LEU B 305 14.30 1.94 5.19
CA LEU B 305 13.70 3.25 5.42
C LEU B 305 14.49 4.07 6.42
N ASP B 306 14.96 3.43 7.50
CA ASP B 306 15.74 4.15 8.50
C ASP B 306 17.10 4.57 7.97
N TYR B 307 17.68 3.76 7.08
CA TYR B 307 18.89 4.18 6.38
C TYR B 307 18.64 5.45 5.56
N ILE B 308 17.59 5.43 4.74
CA ILE B 308 17.22 6.61 3.96
C ILE B 308 17.04 7.83 4.86
N VAL B 309 16.42 7.66 6.02
CA VAL B 309 16.13 8.80 6.88
C VAL B 309 17.38 9.31 7.61
N ASN B 310 18.23 8.40 8.11
CA ASN B 310 19.29 8.79 9.02
C ASN B 310 20.71 8.67 8.47
N GLU B 311 20.91 7.95 7.39
CA GLU B 311 22.25 7.90 6.86
C GLU B 311 22.45 8.98 5.79
N PRO B 312 23.69 9.34 5.47
CA PRO B 312 23.91 10.34 4.44
C PRO B 312 23.45 9.83 3.08
N PRO B 313 22.99 10.71 2.21
CA PRO B 313 22.32 10.28 0.97
C PRO B 313 23.30 9.57 0.04
N PRO B 314 22.81 8.80 -0.92
CA PRO B 314 23.71 8.17 -1.88
C PRO B 314 24.38 9.23 -2.76
N LYS B 315 25.44 8.80 -3.45
CA LYS B 315 26.18 9.69 -4.32
C LYS B 315 26.81 8.88 -5.44
N LEU B 316 27.03 9.54 -6.58
CA LEU B 316 27.63 8.88 -7.73
C LEU B 316 29.11 8.60 -7.47
N PRO B 317 29.66 7.56 -8.10
CA PRO B 317 31.12 7.36 -8.03
C PRO B 317 31.84 8.48 -8.75
N SER B 318 32.95 8.93 -8.14
CA SER B 318 33.57 10.18 -8.56
C SER B 318 34.36 10.04 -9.86
N ALA B 319 34.68 8.81 -10.28
CA ALA B 319 35.58 8.63 -11.40
C ALA B 319 34.86 8.77 -12.73
N VAL B 320 33.67 8.16 -12.87
CA VAL B 320 33.08 7.86 -14.16
C VAL B 320 31.99 8.85 -14.55
N PHE B 321 31.75 9.86 -13.73
CA PHE B 321 30.68 10.83 -13.96
C PHE B 321 31.18 12.26 -13.78
N SER B 322 30.61 13.16 -14.58
CA SER B 322 31.02 14.55 -14.61
C SER B 322 30.75 15.26 -13.28
N LEU B 323 31.47 16.37 -13.08
CA LEU B 323 31.25 17.14 -11.87
C LEU B 323 29.85 17.72 -11.89
N GLU B 324 29.42 18.22 -13.05
CA GLU B 324 28.08 18.79 -13.17
C GLU B 324 27.01 17.78 -12.79
N PHE B 325 27.13 16.54 -13.28
CA PHE B 325 26.14 15.51 -12.97
C PHE B 325 26.16 15.13 -11.49
N GLN B 326 27.34 14.86 -10.96
CA GLN B 326 27.48 14.59 -9.53
C GLN B 326 26.85 15.69 -8.69
N ASP B 327 27.14 16.94 -9.02
CA ASP B 327 26.59 18.04 -8.24
C ASP B 327 25.09 18.16 -8.44
N PHE B 328 24.60 17.86 -9.64
CA PHE B 328 23.17 17.90 -9.91
C PHE B 328 22.43 16.92 -9.00
N VAL B 329 22.89 15.67 -8.97
CA VAL B 329 22.24 14.69 -8.11
C VAL B 329 22.42 15.06 -6.65
N ASN B 330 23.63 15.51 -6.26
CA ASN B 330 23.86 15.89 -4.87
C ASN B 330 22.91 17.01 -4.44
N LYS B 331 22.59 17.92 -5.35
CA LYS B 331 21.65 18.99 -5.04
C LYS B 331 20.23 18.46 -4.98
N CYS B 332 19.94 17.41 -5.76
CA CYS B 332 18.63 16.78 -5.66
C CYS B 332 18.47 16.00 -4.37
N LEU B 333 19.56 15.44 -3.84
CA LEU B 333 19.50 14.48 -2.76
C LEU B 333 19.82 15.10 -1.40
N ILE B 334 19.75 16.42 -1.28
CA ILE B 334 19.92 17.08 0.02
C ILE B 334 18.73 16.73 0.90
N LYS B 335 19.00 16.37 2.15
CA LYS B 335 17.93 15.87 3.02
C LYS B 335 16.97 16.98 3.42
N ASN B 336 17.52 18.12 3.84
CA ASN B 336 16.69 19.26 4.21
C ASN B 336 16.01 19.81 2.96
N PRO B 337 14.68 19.69 2.82
CA PRO B 337 14.05 20.11 1.57
C PRO B 337 14.15 21.60 1.31
N ALA B 338 14.38 22.41 2.34
CA ALA B 338 14.54 23.85 2.13
C ALA B 338 15.85 24.18 1.45
N GLU B 339 16.91 23.41 1.75
CA GLU B 339 18.21 23.60 1.12
C GLU B 339 18.32 22.83 -0.19
N ARG B 340 17.50 21.80 -0.38
CA ARG B 340 17.43 21.10 -1.65
C ARG B 340 17.11 22.09 -2.76
N ALA B 341 17.69 21.87 -3.93
CA ALA B 341 17.40 22.73 -5.06
C ALA B 341 15.91 22.66 -5.42
N ASP B 342 15.35 23.80 -5.80
CA ASP B 342 13.99 23.85 -6.29
C ASP B 342 13.98 23.73 -7.82
N LEU B 343 12.79 23.78 -8.41
CA LEU B 343 12.65 23.43 -9.82
C LEU B 343 13.45 24.37 -10.71
N LYS B 344 13.41 25.67 -10.43
CA LYS B 344 14.06 26.65 -11.31
C LYS B 344 15.57 26.69 -11.10
N GLN B 345 16.03 26.58 -9.84
CA GLN B 345 17.46 26.40 -9.60
C GLN B 345 18.02 25.29 -10.47
N LEU B 346 17.31 24.15 -10.51
CA LEU B 346 17.73 23.06 -11.37
C LEU B 346 17.59 23.43 -12.85
N MET B 347 16.59 24.25 -13.17
CA MET B 347 16.43 24.74 -14.54
C MET B 347 17.63 25.57 -15.00
N VAL B 348 18.35 26.20 -14.08
CA VAL B 348 19.52 26.99 -14.43
C VAL B 348 20.82 26.31 -14.03
N HIS B 349 20.77 25.06 -13.56
CA HIS B 349 21.99 24.36 -13.17
C HIS B 349 22.90 24.14 -14.38
N ALA B 350 24.21 24.14 -14.12
CA ALA B 350 25.20 23.91 -15.16
C ALA B 350 24.95 22.62 -15.93
N PHE B 351 24.60 21.53 -15.22
CA PHE B 351 24.49 20.23 -15.87
C PHE B 351 23.41 20.21 -16.96
N ILE B 352 22.27 20.84 -16.70
CA ILE B 352 21.20 20.77 -17.70
C ILE B 352 21.32 21.88 -18.73
N LYS B 353 22.04 22.97 -18.41
CA LYS B 353 22.44 23.90 -19.46
C LYS B 353 23.36 23.21 -20.46
N ARG B 354 24.33 22.44 -19.96
CA ARG B 354 25.20 21.67 -20.84
C ARG B 354 24.39 20.65 -21.64
N SER B 355 23.54 19.87 -20.96
CA SER B 355 22.82 18.81 -21.65
C SER B 355 21.80 19.36 -22.64
N ASP B 356 21.21 20.52 -22.33
CA ASP B 356 20.19 21.12 -23.18
C ASP B 356 20.74 21.38 -24.59
N ALA B 357 21.94 21.95 -24.66
CA ALA B 357 22.54 22.31 -25.94
C ALA B 357 23.47 21.21 -26.41
N GLU B 358 22.88 20.03 -26.61
CA GLU B 358 23.58 18.86 -27.09
C GLU B 358 22.68 18.16 -28.09
N GLU B 359 23.30 17.41 -29.00
CA GLU B 359 22.57 16.62 -29.98
C GLU B 359 22.77 15.15 -29.66
N VAL B 360 21.78 14.54 -29.03
CA VAL B 360 21.75 13.10 -28.79
C VAL B 360 20.54 12.54 -29.52
N ASP B 361 20.76 11.44 -30.26
CA ASP B 361 19.65 10.75 -30.91
C ASP B 361 19.07 9.74 -29.91
N PHE B 362 18.17 10.25 -29.07
CA PHE B 362 17.58 9.42 -28.02
C PHE B 362 16.82 8.25 -28.62
N ALA B 363 16.02 8.52 -29.66
CA ALA B 363 15.30 7.45 -30.35
C ALA B 363 16.24 6.37 -30.85
N GLY B 364 17.41 6.77 -31.37
CA GLY B 364 18.34 5.79 -31.90
C GLY B 364 18.93 4.90 -30.82
N TRP B 365 19.47 5.51 -29.77
CA TRP B 365 19.97 4.74 -28.63
C TRP B 365 18.91 3.79 -28.10
N LEU B 366 17.70 4.32 -27.89
CA LEU B 366 16.56 3.54 -27.40
C LEU B 366 16.39 2.31 -28.29
N CYS B 367 16.00 2.53 -29.54
CA CYS B 367 15.67 1.42 -30.45
C CYS B 367 16.81 0.41 -30.54
N SER B 368 18.05 0.89 -30.64
CA SER B 368 19.18 -0.05 -30.73
C SER B 368 19.30 -0.89 -29.46
N THR B 369 19.12 -0.28 -28.28
CA THR B 369 19.33 -1.03 -27.04
C THR B 369 18.18 -2.00 -26.78
N ILE B 370 16.94 -1.58 -27.04
CA ILE B 370 15.78 -2.43 -26.77
C ILE B 370 15.47 -3.35 -27.95
N GLY B 371 16.09 -3.13 -29.10
CA GLY B 371 15.81 -3.93 -30.27
C GLY B 371 14.43 -3.65 -30.85
N LEU B 372 14.22 -2.40 -31.29
CA LEU B 372 12.91 -1.94 -31.71
C LEU B 372 13.03 -1.00 -32.90
PG ANP C . -9.91 -8.68 6.02
O1G ANP C . -9.83 -10.09 5.52
O2G ANP C . -9.18 -8.61 7.40
O3G ANP C . -9.20 -7.71 5.00
PB ANP C . -12.37 -9.34 7.10
O1B ANP C . -13.78 -8.86 7.33
O2B ANP C . -11.69 -9.54 8.49
N3B ANP C . -11.53 -8.22 6.20
PA ANP C . -13.16 -11.97 6.87
O1A ANP C . -12.76 -12.29 8.26
O2A ANP C . -12.88 -13.09 5.86
O3A ANP C . -12.39 -10.69 6.32
O5' ANP C . -14.69 -11.57 6.86
C5' ANP C . -15.44 -11.58 5.64
C4' ANP C . -16.84 -11.09 5.92
O4' ANP C . -17.54 -12.06 6.74
C3' ANP C . -16.94 -9.75 6.66
O3' ANP C . -17.92 -8.91 6.06
C2' ANP C . -17.31 -10.15 8.08
O2' ANP C . -18.08 -9.14 8.74
C1' ANP C . -18.16 -11.38 7.82
N9 ANP C . -18.25 -12.31 8.95
C8 ANP C . -17.30 -13.18 9.40
N7 ANP C . -17.66 -13.88 10.45
C5 ANP C . -18.94 -13.44 10.71
C6 ANP C . -19.88 -13.78 11.70
N6 ANP C . -19.66 -14.70 12.65
N1 ANP C . -21.07 -13.14 11.69
C2 ANP C . -21.30 -12.22 10.75
N3 ANP C . -20.49 -11.82 9.77
C4 ANP C . -19.32 -12.46 9.81
MG MG D . -12.65 -10.97 9.85
PG ANP E . 4.44 1.28 -10.03
O1G ANP E . 4.93 2.10 -8.88
O2G ANP E . 2.88 1.08 -9.89
O3G ANP E . 4.75 2.02 -11.39
PB ANP E . 4.81 -1.08 -11.42
O1B ANP E . 5.50 -0.44 -12.58
O2B ANP E . 5.30 -2.55 -11.28
N3B ANP E . 5.19 -0.23 -10.02
PA ANP E . 2.56 -0.26 -12.81
O1A ANP E . 2.72 1.20 -12.63
O2A ANP E . 1.10 -0.71 -12.82
O3A ANP E . 3.26 -1.07 -11.63
O5' ANP E . 3.31 -0.68 -14.14
C5' ANP E . 3.13 -1.98 -14.70
C4' ANP E . 3.86 -2.05 -16.03
O4' ANP E . 3.07 -1.40 -17.05
C3' ANP E . 5.25 -1.38 -16.04
O3' ANP E . 6.21 -2.24 -16.64
C2' ANP E . 5.03 -0.12 -16.87
O2' ANP E . 6.19 0.24 -17.62
C1' ANP E . 3.91 -0.55 -17.81
N9 ANP E . 3.11 0.55 -18.34
C8 ANP E . 2.09 1.22 -17.72
N7 ANP E . 1.55 2.17 -18.45
C5 ANP E . 2.25 2.11 -19.63
C6 ANP E . 2.16 2.85 -20.83
N6 ANP E . 1.29 3.85 -21.01
N1 ANP E . 3.02 2.56 -21.82
C2 ANP E . 3.90 1.56 -21.64
N3 ANP E . 4.08 0.79 -20.57
C4 ANP E . 3.22 1.12 -19.59
C01 VKG F . 2.62 6.00 -2.51
C07 VKG F . -0.25 7.68 -4.45
C08 VKG F . 0.76 8.64 -4.58
C09 VKG F . 1.14 9.10 -5.83
C10 VKG F . 0.50 8.59 -6.97
C11 VKG F . -0.52 7.63 -6.84
C13 VKG F . -0.48 6.11 -8.55
C16 VKG F . -0.25 4.41 -10.27
C17 VKG F . -1.22 3.28 -9.90
C18 VKG F . 0.28 3.04 -9.82
C19 VKG F . -1.85 6.25 -10.44
C21 VKG F . -2.47 7.43 -9.94
C22 VKG F . -3.50 8.06 -10.72
C24 VKG F . -3.32 7.98 -13.31
C25 VKG F . -3.48 9.33 -13.58
C26 VKG F . -3.02 9.89 -14.75
C27 VKG F . -2.39 9.11 -15.69
C29 VKG F . -2.21 7.75 -15.46
C30 VKG F . -2.68 7.17 -14.27
C33 VKG F . -5.17 9.89 -10.97
C34 VKG F . -3.76 9.72 -9.08
C36 VKG F . -2.75 9.15 -8.27
C37 VKG F . -2.53 9.92 -6.97
C38 VKG F . -2.06 7.93 -8.72
C39 VKG F . -0.90 7.15 -5.58
F31 VKG F . -2.51 5.84 -14.05
I28 VKG F . -1.73 10.10 -17.44
N02 VKG F . 2.11 7.36 -2.22
N06 VKG F . -0.60 7.24 -3.09
N12 VKG F . -1.05 7.22 -8.03
N15 VKG F . -0.88 5.64 -9.75
N23 VKG F . -3.86 7.45 -12.03
N32 VKG F . -4.11 9.18 -10.25
O04 VKG F . 0.26 8.98 -1.30
O05 VKG F . 0.12 6.83 -0.59
O14 VKG F . 0.38 5.56 -7.95
O20 VKG F . -2.19 5.81 -11.49
O35 VKG F . -4.30 10.70 -8.71
S03 VKG F . 0.47 7.61 -1.79
MG MG G . 3.22 3.12 -12.76
#